data_9UOR
#
_entry.id   9UOR
#
_cell.length_a   55.297
_cell.length_b   94.690
_cell.length_c   71.449
_cell.angle_alpha   90.00
_cell.angle_beta   112.35
_cell.angle_gamma   90.00
#
_symmetry.space_group_name_H-M   'P 1 21 1'
#
loop_
_entity.id
_entity.type
_entity.pdbx_description
1 polymer '3C-like proteinase'
2 non-polymer (2~{S})-2-[[(2~{S})-3,3-dimethyl-2-[2,2,2-tris(fluoranyl)ethanoylamino]butanoyl]amino]-4-methyl-~{N}-[(2~{S})-1-oxidanylidene-3-[(3~{S})-2-oxidanylidenepyrrolidin-3-yl]propan-2-yl]pentanamide
3 water water
#
_entity_poly.entity_id   1
_entity_poly.type   'polypeptide(L)'
_entity_poly.pdbx_seq_one_letter_code
;SGFKKLVSPSSAVEKCIVSVSYRGNNLNGLWLGDTIYCPRHVLGKFSGDQWNDVLNLANNHEFEVTTQHGVTLNVVSRRL
KGAVLILQTAVANAETPKYKFIKANCGDSFTIACAYGGTVVGLYPVTMRSNGTIRASFLAGACGSVGFNIEKGVVNFFYM
HHLELPNALHTGTDLMGEFYGGYVDEEVAQRVPPDNLVTNNIVAWLYAAIISVKESSFSLPKWLESTTVSVDDYNKWAGD
NGFTPFSTSTAITKLSAITGVDVCKLLRTIMVKNSQWGGDPILGQYNFEDELTPESVFNQIGGVRLQ
;
_entity_poly.pdbx_strand_id   A,B
#
loop_
_chem_comp.id
_chem_comp.type
_chem_comp.name
_chem_comp.formula
A1EPZ peptide-like (2~{S})-2-[[(2~{S})-3,3-dimethyl-2-[2,2,2-tris(fluoranyl)ethanoylamino]butanoyl]amino]-4-methyl-~{N}-[(2~{S})-1-oxidanylidene-3-[(3~{S})-2-oxidanylidenepyrrolidin-3-yl]propan-2-yl]pentanamide 'C21 H33 F3 N4 O5'
#
# COMPACT_ATOMS: atom_id res chain seq x y z
N SER A 1 0.73 16.08 -6.85
CA SER A 1 1.39 15.26 -7.84
C SER A 1 1.91 13.96 -7.22
N GLY A 2 2.36 13.06 -8.09
CA GLY A 2 2.86 11.76 -7.68
C GLY A 2 1.76 10.72 -7.71
N PHE A 3 2.16 9.46 -7.99
CA PHE A 3 1.19 8.38 -8.11
C PHE A 3 1.65 7.22 -7.24
N LYS A 4 0.70 6.67 -6.46
CA LYS A 4 0.97 5.55 -5.60
C LYS A 4 -0.15 4.53 -5.75
N LYS A 5 0.13 3.28 -5.36
CA LYS A 5 -0.91 2.26 -5.28
C LYS A 5 -1.50 2.38 -3.87
N LEU A 6 -2.71 2.88 -3.81
CA LEU A 6 -3.32 3.30 -2.57
C LEU A 6 -4.01 2.09 -1.94
N VAL A 7 -4.07 2.14 -0.61
CA VAL A 7 -4.86 1.24 0.22
C VAL A 7 -6.02 2.00 0.87
N SER A 8 -7.20 1.36 0.93
CA SER A 8 -8.30 1.95 1.68
C SER A 8 -8.00 2.01 3.18
N PRO A 9 -8.50 3.01 3.88
CA PRO A 9 -8.36 3.04 5.34
C PRO A 9 -9.14 1.91 5.97
N SER A 10 -8.65 1.45 7.09
CA SER A 10 -9.06 0.14 7.58
C SER A 10 -9.94 0.13 8.80
N SER A 11 -10.29 1.29 9.39
CA SER A 11 -11.03 1.23 10.66
C SER A 11 -12.37 0.48 10.55
N ALA A 12 -13.13 0.71 9.47
CA ALA A 12 -14.42 0.05 9.36
C ALA A 12 -14.25 -1.44 9.30
N VAL A 13 -13.16 -1.93 8.68
CA VAL A 13 -13.01 -3.36 8.49
C VAL A 13 -12.44 -3.98 9.77
N GLU A 14 -11.56 -3.23 10.45
CA GLU A 14 -10.99 -3.73 11.70
C GLU A 14 -12.08 -4.07 12.70
N LYS A 15 -13.15 -3.27 12.70
CA LYS A 15 -14.29 -3.49 13.58
C LYS A 15 -15.10 -4.73 13.21
N CYS A 16 -14.82 -5.38 12.08
CA CYS A 16 -15.58 -6.56 11.68
C CYS A 16 -14.74 -7.82 11.67
N ILE A 17 -13.46 -7.74 11.88
CA ILE A 17 -12.63 -8.93 11.80
C ILE A 17 -12.56 -9.58 13.18
N VAL A 18 -12.84 -10.89 13.22
CA VAL A 18 -12.82 -11.68 14.45
C VAL A 18 -11.95 -12.91 14.23
N SER A 19 -11.54 -13.56 15.34
CA SER A 19 -10.83 -14.81 15.17
C SER A 19 -11.85 -15.93 15.26
N VAL A 20 -11.66 -16.93 14.40
CA VAL A 20 -12.49 -18.14 14.43
C VAL A 20 -11.58 -19.36 14.46
N SER A 21 -11.76 -20.19 15.49
CA SER A 21 -10.99 -21.42 15.62
C SER A 21 -11.94 -22.57 15.86
N TYR A 22 -11.55 -23.71 15.34
CA TYR A 22 -12.28 -24.95 15.58
C TYR A 22 -11.26 -26.08 15.61
N ARG A 23 -11.24 -26.81 16.72
CA ARG A 23 -10.36 -27.98 16.93
C ARG A 23 -8.97 -27.80 16.34
N GLY A 24 -8.34 -26.69 16.69
CA GLY A 24 -6.94 -26.48 16.37
C GLY A 24 -6.71 -25.72 15.09
N ASN A 25 -7.75 -25.48 14.31
CA ASN A 25 -7.64 -24.76 13.05
C ASN A 25 -7.94 -23.31 13.39
N ASN A 26 -7.00 -22.41 13.07
CA ASN A 26 -7.07 -21.01 13.48
C ASN A 26 -7.12 -20.13 12.26
N LEU A 27 -8.25 -19.46 12.08
CA LEU A 27 -8.36 -18.50 11.01
C LEU A 27 -9.19 -17.30 11.46
N ASN A 28 -9.56 -16.46 10.48
CA ASN A 28 -10.24 -15.21 10.74
C ASN A 28 -11.61 -15.27 10.10
N GLY A 29 -12.53 -14.48 10.68
CA GLY A 29 -13.85 -14.31 10.12
C GLY A 29 -14.19 -12.83 9.92
N LEU A 30 -15.24 -12.62 9.14
CA LEU A 30 -15.79 -11.29 8.91
C LEU A 30 -17.18 -11.25 9.55
N TRP A 31 -17.35 -10.40 10.53
CA TRP A 31 -18.56 -10.37 11.36
C TRP A 31 -19.42 -9.19 10.96
N LEU A 32 -20.56 -9.49 10.32
CA LEU A 32 -21.48 -8.45 9.86
C LEU A 32 -22.88 -8.77 10.37
N GLY A 33 -23.50 -7.80 11.04
CA GLY A 33 -24.77 -8.10 11.67
C GLY A 33 -24.60 -9.25 12.65
N ASP A 34 -25.46 -10.28 12.54
CA ASP A 34 -25.29 -11.44 13.42
C ASP A 34 -24.69 -12.62 12.67
N THR A 35 -23.86 -12.34 11.67
CA THR A 35 -23.32 -13.39 10.81
C THR A 35 -21.81 -13.27 10.71
N ILE A 36 -21.10 -14.39 10.87
CA ILE A 36 -19.66 -14.47 10.63
C ILE A 36 -19.45 -15.28 9.37
N TYR A 37 -18.67 -14.73 8.44
CA TYR A 37 -18.28 -15.41 7.22
C TYR A 37 -16.83 -15.88 7.41
N CYS A 38 -16.55 -17.16 7.18
CA CYS A 38 -15.15 -17.59 7.28
C CYS A 38 -14.92 -18.77 6.36
N PRO A 39 -13.66 -19.11 6.06
CA PRO A 39 -13.42 -20.23 5.14
C PRO A 39 -13.83 -21.54 5.77
N ARG A 40 -14.51 -22.38 4.99
CA ARG A 40 -15.03 -23.61 5.59
C ARG A 40 -13.92 -24.58 6.04
N HIS A 41 -12.67 -24.42 5.59
CA HIS A 41 -11.61 -25.35 6.10
C HIS A 41 -11.21 -25.07 7.53
N VAL A 42 -11.85 -24.11 8.22
CA VAL A 42 -11.75 -24.05 9.67
C VAL A 42 -12.27 -25.38 10.30
N LEU A 43 -13.14 -26.11 9.57
CA LEU A 43 -13.65 -27.43 9.98
C LEU A 43 -12.67 -28.56 9.71
N GLY A 44 -11.63 -28.33 8.93
CA GLY A 44 -10.67 -29.37 8.57
C GLY A 44 -10.49 -29.42 7.08
N LYS A 45 -9.65 -30.35 6.63
CA LYS A 45 -9.29 -30.40 5.22
C LYS A 45 -10.06 -31.52 4.53
N PHE A 46 -11.21 -31.17 3.98
CA PHE A 46 -12.07 -32.15 3.30
C PHE A 46 -12.23 -31.86 1.80
N SER A 47 -13.00 -32.71 1.09
CA SER A 47 -13.14 -32.54 -0.35
C SER A 47 -14.53 -32.95 -0.80
N GLY A 48 -14.90 -32.47 -1.98
CA GLY A 48 -16.13 -32.93 -2.65
C GLY A 48 -17.37 -32.83 -1.81
N ASP A 49 -18.07 -33.96 -1.66
CA ASP A 49 -19.36 -34.06 -0.96
C ASP A 49 -19.19 -34.24 0.54
N GLN A 50 -17.94 -34.27 1.02
CA GLN A 50 -17.70 -34.53 2.43
C GLN A 50 -18.13 -33.36 3.30
N TRP A 51 -18.16 -32.15 2.73
CA TRP A 51 -18.32 -30.96 3.57
C TRP A 51 -19.68 -30.95 4.26
N ASN A 52 -20.72 -31.38 3.58
CA ASN A 52 -22.02 -31.35 4.23
C ASN A 52 -22.05 -32.25 5.46
N ASP A 53 -21.51 -33.48 5.36
CA ASP A 53 -21.49 -34.36 6.53
C ASP A 53 -20.61 -33.78 7.63
N VAL A 54 -19.50 -33.16 7.24
CA VAL A 54 -18.64 -32.47 8.23
C VAL A 54 -19.42 -31.35 8.92
N LEU A 55 -20.16 -30.55 8.14
CA LEU A 55 -20.91 -29.47 8.76
C LEU A 55 -21.92 -30.01 9.76
N ASN A 56 -22.64 -31.06 9.36
CA ASN A 56 -23.62 -31.65 10.26
C ASN A 56 -22.98 -32.21 11.52
N LEU A 57 -21.76 -32.74 11.39
CA LEU A 57 -21.08 -33.28 12.58
C LEU A 57 -20.55 -32.17 13.49
N ALA A 58 -20.40 -30.93 12.99
CA ALA A 58 -19.74 -29.93 13.82
C ALA A 58 -20.63 -29.48 14.97
N ASN A 59 -20.04 -28.95 16.05
CA ASN A 59 -20.96 -28.43 17.06
C ASN A 59 -20.64 -26.98 17.38
N ASN A 60 -21.72 -26.23 17.42
CA ASN A 60 -21.63 -24.79 17.60
C ASN A 60 -20.83 -24.38 18.81
N HIS A 61 -20.95 -25.13 19.91
CA HIS A 61 -20.29 -24.76 21.15
C HIS A 61 -18.78 -24.88 21.07
N GLU A 62 -18.25 -25.57 20.07
CA GLU A 62 -16.83 -25.80 19.97
C GLU A 62 -16.14 -24.80 19.02
N PHE A 63 -16.91 -23.92 18.35
CA PHE A 63 -16.28 -22.80 17.66
C PHE A 63 -15.79 -21.81 18.70
N GLU A 64 -14.55 -21.37 18.60
CA GLU A 64 -14.02 -20.37 19.51
C GLU A 64 -13.89 -19.08 18.71
N VAL A 65 -14.76 -18.14 19.01
CA VAL A 65 -14.80 -16.90 18.24
C VAL A 65 -14.50 -15.76 19.21
N THR A 66 -13.49 -14.91 18.89
CA THR A 66 -13.17 -13.82 19.81
C THR A 66 -13.04 -12.54 19.01
N THR A 67 -13.51 -11.43 19.59
CA THR A 67 -13.35 -10.13 18.92
C THR A 67 -11.96 -9.55 19.24
N GLN A 68 -11.60 -8.43 18.57
CA GLN A 68 -10.26 -7.90 18.78
C GLN A 68 -10.04 -7.47 20.22
N HIS A 69 -11.12 -7.11 20.90
CA HIS A 69 -11.11 -6.68 22.29
C HIS A 69 -11.22 -7.85 23.27
N GLY A 70 -11.21 -9.10 22.78
CA GLY A 70 -11.23 -10.25 23.64
C GLY A 70 -12.61 -10.72 24.09
N VAL A 71 -13.69 -10.23 23.49
CA VAL A 71 -15.03 -10.68 23.83
C VAL A 71 -15.29 -12.00 23.11
N THR A 72 -15.81 -12.99 23.83
CA THR A 72 -16.11 -14.27 23.22
C THR A 72 -17.48 -14.16 22.59
N LEU A 73 -17.62 -14.60 21.33
CA LEU A 73 -18.92 -14.67 20.68
C LEU A 73 -19.46 -16.10 20.71
N ASN A 74 -20.76 -16.21 20.65
CA ASN A 74 -21.45 -17.49 20.77
C ASN A 74 -22.15 -17.84 19.46
N VAL A 75 -21.76 -18.97 18.87
CA VAL A 75 -22.34 -19.44 17.62
C VAL A 75 -23.65 -20.13 17.94
N VAL A 76 -24.72 -19.74 17.26
CA VAL A 76 -26.03 -20.36 17.48
C VAL A 76 -26.56 -21.08 16.24
N SER A 77 -25.92 -20.98 15.08
CA SER A 77 -26.31 -21.77 13.93
C SER A 77 -25.19 -21.72 12.91
N ARG A 78 -25.22 -22.65 11.96
CA ARG A 78 -24.13 -22.79 11.00
C ARG A 78 -24.70 -23.30 9.68
N ARG A 79 -24.12 -22.83 8.58
CA ARG A 79 -24.49 -23.31 7.26
C ARG A 79 -23.32 -23.05 6.32
N LEU A 80 -23.28 -23.80 5.23
CA LEU A 80 -22.30 -23.62 4.16
C LEU A 80 -22.92 -22.87 3.00
N LYS A 81 -22.13 -21.97 2.42
CA LYS A 81 -22.54 -21.29 1.19
C LYS A 81 -21.29 -21.36 0.30
N GLY A 82 -21.30 -22.23 -0.69
CA GLY A 82 -20.05 -22.46 -1.43
C GLY A 82 -18.96 -22.89 -0.45
N ALA A 83 -17.75 -22.32 -0.57
CA ALA A 83 -16.65 -22.67 0.33
C ALA A 83 -16.59 -21.81 1.57
N VAL A 84 -17.62 -21.01 1.84
CA VAL A 84 -17.67 -20.15 3.00
C VAL A 84 -18.61 -20.75 4.02
N LEU A 85 -18.14 -20.78 5.26
CA LEU A 85 -18.92 -21.18 6.43
C LEU A 85 -19.55 -19.95 7.04
N ILE A 86 -20.86 -19.99 7.21
CA ILE A 86 -21.61 -18.86 7.75
C ILE A 86 -22.10 -19.28 9.12
N LEU A 87 -21.60 -18.59 10.14
CA LEU A 87 -21.93 -18.85 11.52
C LEU A 87 -22.81 -17.70 12.02
N GLN A 88 -23.96 -18.02 12.61
CA GLN A 88 -24.78 -16.98 13.24
C GLN A 88 -24.39 -16.81 14.71
N THR A 89 -24.27 -15.54 15.14
CA THR A 89 -23.93 -15.18 16.51
C THR A 89 -25.19 -14.80 17.26
N ALA A 90 -25.14 -14.98 18.58
CA ALA A 90 -26.31 -14.66 19.40
C ALA A 90 -26.61 -13.16 19.40
N VAL A 91 -25.59 -12.32 19.26
CA VAL A 91 -25.72 -10.86 19.30
C VAL A 91 -25.11 -10.33 18.01
N ALA A 92 -25.70 -9.25 17.49
CA ALA A 92 -25.18 -8.62 16.28
C ALA A 92 -23.99 -7.71 16.60
N ASN A 93 -23.17 -7.52 15.56
CA ASN A 93 -22.06 -6.57 15.60
C ASN A 93 -22.63 -5.16 15.48
N ALA A 94 -22.57 -4.41 16.59
CA ALA A 94 -23.14 -3.06 16.57
C ALA A 94 -22.31 -2.11 15.73
N GLU A 95 -21.14 -2.54 15.27
CA GLU A 95 -20.26 -1.67 14.49
C GLU A 95 -20.25 -2.08 13.01
N THR A 96 -21.31 -2.73 12.54
CA THR A 96 -21.37 -3.18 11.16
C THR A 96 -21.49 -1.96 10.24
N PRO A 97 -20.63 -1.83 9.22
CA PRO A 97 -20.75 -0.69 8.30
C PRO A 97 -21.81 -0.98 7.26
N LYS A 98 -22.08 0.03 6.42
CA LYS A 98 -22.82 -0.24 5.19
C LYS A 98 -21.85 -0.98 4.29
N TYR A 99 -22.32 -2.05 3.66
CA TYR A 99 -21.40 -2.87 2.88
C TYR A 99 -22.16 -3.47 1.70
N LYS A 100 -21.37 -3.97 0.76
CA LYS A 100 -21.82 -4.75 -0.40
C LYS A 100 -20.84 -5.89 -0.63
N PHE A 101 -21.36 -7.05 -1.10
CA PHE A 101 -20.50 -8.15 -1.53
C PHE A 101 -20.44 -8.10 -3.05
N ILE A 102 -19.26 -7.86 -3.61
CA ILE A 102 -19.08 -7.68 -5.05
C ILE A 102 -18.03 -8.66 -5.54
N LYS A 103 -18.21 -9.20 -6.73
CA LYS A 103 -17.16 -10.04 -7.26
C LYS A 103 -16.20 -9.21 -8.11
N ALA A 104 -14.90 -9.28 -7.81
CA ALA A 104 -13.90 -8.55 -8.58
C ALA A 104 -13.65 -9.20 -9.94
N ASN A 105 -13.54 -8.35 -10.96
CA ASN A 105 -13.22 -8.81 -12.30
C ASN A 105 -11.72 -8.57 -12.53
N CYS A 106 -11.20 -9.19 -13.60
CA CYS A 106 -9.78 -9.05 -13.93
C CYS A 106 -9.40 -7.56 -14.00
N GLY A 107 -8.38 -7.19 -13.24
CA GLY A 107 -7.90 -5.82 -13.25
C GLY A 107 -8.40 -4.99 -12.11
N ASP A 108 -9.54 -5.39 -11.53
CA ASP A 108 -10.07 -4.71 -10.36
C ASP A 108 -9.07 -4.80 -9.22
N SER A 109 -8.84 -3.69 -8.56
CA SER A 109 -7.83 -3.61 -7.53
C SER A 109 -8.49 -3.22 -6.21
N PHE A 110 -7.94 -3.73 -5.10
CA PHE A 110 -8.59 -3.50 -3.80
C PHE A 110 -7.55 -3.78 -2.71
N THR A 111 -7.94 -3.55 -1.47
CA THR A 111 -7.05 -3.64 -0.33
C THR A 111 -7.23 -4.98 0.37
N ILE A 112 -6.13 -5.60 0.71
CA ILE A 112 -6.13 -6.77 1.60
C ILE A 112 -5.93 -6.29 3.02
N ALA A 113 -6.86 -6.67 3.91
CA ALA A 113 -6.66 -6.47 5.36
C ALA A 113 -6.09 -7.80 5.87
N CYS A 114 -4.76 -7.86 6.04
CA CYS A 114 -4.09 -9.10 6.36
C CYS A 114 -4.19 -9.34 7.86
N ALA A 115 -4.87 -10.42 8.27
CA ALA A 115 -5.25 -10.65 9.65
C ALA A 115 -4.70 -11.98 10.16
N TYR A 116 -4.24 -11.94 11.42
CA TYR A 116 -3.82 -13.16 12.13
C TYR A 116 -4.47 -13.14 13.49
N GLY A 117 -5.03 -14.26 13.91
CA GLY A 117 -5.64 -14.28 15.20
C GLY A 117 -6.73 -13.27 15.42
N GLY A 118 -7.43 -12.86 14.37
CA GLY A 118 -8.53 -11.94 14.51
C GLY A 118 -8.13 -10.47 14.51
N THR A 119 -6.87 -10.15 14.26
CA THR A 119 -6.34 -8.80 14.32
C THR A 119 -5.70 -8.45 13.00
N VAL A 120 -6.11 -7.31 12.44
CA VAL A 120 -5.45 -6.87 11.21
C VAL A 120 -4.05 -6.36 11.53
N VAL A 121 -3.04 -6.98 10.93
CA VAL A 121 -1.64 -6.62 11.20
C VAL A 121 -1.07 -5.68 10.12
N GLY A 122 -1.68 -5.64 8.96
CA GLY A 122 -1.18 -4.78 7.89
C GLY A 122 -2.13 -4.85 6.71
N LEU A 123 -1.97 -3.87 5.83
CA LEU A 123 -2.77 -3.74 4.62
C LEU A 123 -1.81 -3.67 3.41
N TYR A 124 -2.34 -4.01 2.25
CA TYR A 124 -1.61 -3.78 1.00
C TYR A 124 -2.58 -3.92 -0.17
N PRO A 125 -2.26 -3.30 -1.30
CA PRO A 125 -3.18 -3.38 -2.45
C PRO A 125 -2.85 -4.61 -3.27
N VAL A 126 -3.88 -5.12 -3.98
CA VAL A 126 -3.70 -6.25 -4.89
C VAL A 126 -4.59 -6.00 -6.07
N THR A 127 -4.34 -6.75 -7.16
CA THR A 127 -5.21 -6.72 -8.33
C THR A 127 -5.70 -8.12 -8.63
N MET A 128 -6.97 -8.25 -8.94
CA MET A 128 -7.46 -9.55 -9.37
C MET A 128 -6.83 -9.86 -10.75
N ARG A 129 -6.09 -10.95 -10.85
CA ARG A 129 -5.40 -11.30 -12.07
C ARG A 129 -6.35 -12.05 -12.98
N SER A 130 -5.89 -12.22 -14.24
CA SER A 130 -6.72 -12.84 -15.30
C SER A 130 -7.03 -14.31 -14.99
N ASN A 131 -6.18 -14.96 -14.20
CA ASN A 131 -6.38 -16.37 -13.85
C ASN A 131 -7.03 -16.54 -12.48
N GLY A 132 -7.64 -15.48 -11.95
CA GLY A 132 -8.38 -15.66 -10.72
C GLY A 132 -7.54 -15.80 -9.46
N THR A 133 -6.30 -15.35 -9.48
CA THR A 133 -5.39 -15.27 -8.36
C THR A 133 -5.12 -13.80 -8.03
N ILE A 134 -4.53 -13.58 -6.84
CA ILE A 134 -3.96 -12.27 -6.51
C ILE A 134 -2.52 -12.56 -6.10
N ARG A 135 -1.68 -11.54 -6.20
CA ARG A 135 -0.27 -11.67 -5.84
C ARG A 135 -0.14 -10.96 -4.50
N ALA A 136 -0.33 -11.73 -3.43
CA ALA A 136 -0.42 -11.18 -2.09
C ALA A 136 0.76 -11.61 -1.20
N SER A 137 0.55 -11.62 0.08
CA SER A 137 1.57 -11.90 1.10
C SER A 137 0.83 -12.49 2.30
N PHE A 138 0.88 -13.82 2.42
CA PHE A 138 0.11 -14.47 3.47
C PHE A 138 0.91 -15.62 4.03
N LEU A 139 0.73 -15.87 5.32
CA LEU A 139 1.35 -16.99 6.05
C LEU A 139 0.24 -17.82 6.66
N ALA A 140 0.63 -18.99 7.21
CA ALA A 140 -0.35 -19.77 7.93
C ALA A 140 -1.04 -18.91 8.98
N GLY A 141 -2.36 -19.05 9.08
CA GLY A 141 -3.11 -18.22 10.00
C GLY A 141 -3.88 -17.09 9.34
N ALA A 142 -3.55 -16.76 8.10
CA ALA A 142 -4.12 -15.58 7.46
C ALA A 142 -5.46 -15.88 6.80
N CYS A 143 -5.91 -17.13 6.74
CA CYS A 143 -7.15 -17.34 5.98
C CYS A 143 -8.33 -16.65 6.65
N GLY A 144 -9.25 -16.18 5.81
CA GLY A 144 -10.30 -15.34 6.31
C GLY A 144 -9.97 -13.87 6.16
N SER A 145 -8.72 -13.52 5.91
CA SER A 145 -8.38 -12.14 5.58
C SER A 145 -9.22 -11.72 4.39
N VAL A 146 -9.59 -10.43 4.32
CA VAL A 146 -10.55 -10.00 3.32
C VAL A 146 -9.95 -8.93 2.43
N GLY A 147 -10.47 -8.87 1.21
CA GLY A 147 -10.13 -7.81 0.30
C GLY A 147 -11.34 -6.89 0.18
N PHE A 148 -11.07 -5.59 0.21
CA PHE A 148 -12.15 -4.62 0.22
C PHE A 148 -11.72 -3.28 -0.36
N ASN A 149 -12.71 -2.44 -0.65
CA ASN A 149 -12.43 -1.02 -0.77
C ASN A 149 -13.60 -0.24 -0.15
N ILE A 150 -13.54 1.08 -0.19
CA ILE A 150 -14.61 1.91 0.34
C ILE A 150 -14.97 2.89 -0.74
N GLU A 151 -16.26 2.97 -1.07
CA GLU A 151 -16.75 3.90 -2.07
C GLU A 151 -18.03 4.52 -1.54
N LYS A 152 -18.06 5.85 -1.48
CA LYS A 152 -19.23 6.60 -1.05
C LYS A 152 -19.75 6.09 0.30
N GLY A 153 -18.83 5.86 1.23
CA GLY A 153 -19.16 5.44 2.56
C GLY A 153 -19.66 4.02 2.68
N VAL A 154 -19.49 3.20 1.64
CA VAL A 154 -19.93 1.79 1.63
C VAL A 154 -18.69 0.91 1.49
N VAL A 155 -18.58 -0.11 2.34
CA VAL A 155 -17.44 -1.03 2.22
C VAL A 155 -17.82 -2.09 1.19
N ASN A 156 -17.07 -2.18 0.10
CA ASN A 156 -17.24 -3.29 -0.86
C ASN A 156 -16.30 -4.42 -0.41
N PHE A 157 -16.83 -5.59 -0.14
CA PHE A 157 -15.98 -6.75 0.12
C PHE A 157 -15.89 -7.59 -1.15
N PHE A 158 -14.68 -7.84 -1.63
CA PHE A 158 -14.46 -8.59 -2.87
C PHE A 158 -13.95 -10.00 -2.65
N TYR A 159 -13.25 -10.25 -1.54
CA TYR A 159 -12.39 -11.41 -1.49
C TYR A 159 -12.25 -11.92 -0.06
N MET A 160 -12.20 -13.25 0.09
CA MET A 160 -11.81 -13.82 1.39
C MET A 160 -10.76 -14.89 1.09
N HIS A 161 -9.64 -14.83 1.83
CA HIS A 161 -8.46 -15.62 1.49
C HIS A 161 -8.57 -17.09 1.93
N HIS A 162 -8.24 -18.04 1.03
CA HIS A 162 -8.31 -19.48 1.42
C HIS A 162 -7.01 -20.24 1.15
N LEU A 163 -6.32 -19.91 0.07
CA LEU A 163 -5.39 -20.87 -0.53
C LEU A 163 -4.18 -20.23 -1.19
N GLU A 164 -3.01 -20.85 -1.03
CA GLU A 164 -1.81 -20.42 -1.73
C GLU A 164 -1.40 -21.47 -2.73
N LEU A 165 -1.40 -21.09 -3.99
CA LEU A 165 -0.96 -21.90 -5.11
C LEU A 165 0.54 -21.78 -5.32
N PRO A 166 1.11 -22.67 -6.12
CA PRO A 166 2.54 -22.54 -6.44
C PRO A 166 2.88 -21.19 -7.07
N ASN A 167 4.14 -20.79 -6.87
CA ASN A 167 4.68 -19.53 -7.35
C ASN A 167 4.09 -18.34 -6.61
N ALA A 168 3.78 -18.53 -5.31
CA ALA A 168 3.32 -17.45 -4.43
C ALA A 168 2.07 -16.77 -5.01
N LEU A 169 1.15 -17.58 -5.53
CA LEU A 169 -0.13 -17.07 -6.02
C LEU A 169 -1.20 -17.35 -4.96
N HIS A 170 -2.08 -16.38 -4.74
CA HIS A 170 -3.11 -16.53 -3.73
C HIS A 170 -4.51 -16.53 -4.33
N THR A 171 -5.39 -17.29 -3.73
CA THR A 171 -6.76 -17.21 -4.21
C THR A 171 -7.73 -17.56 -3.08
N GLY A 172 -9.01 -17.43 -3.37
CA GLY A 172 -10.00 -17.59 -2.33
C GLY A 172 -11.33 -17.31 -2.97
N THR A 173 -12.32 -16.91 -2.18
CA THR A 173 -13.70 -16.75 -2.67
C THR A 173 -14.12 -15.30 -2.67
N ASP A 174 -15.24 -15.00 -3.33
CA ASP A 174 -15.97 -13.81 -2.96
C ASP A 174 -16.73 -14.06 -1.64
N LEU A 175 -17.46 -13.03 -1.16
CA LEU A 175 -18.17 -13.23 0.11
C LEU A 175 -19.49 -13.98 -0.14
N MET A 176 -19.79 -14.37 -1.38
CA MET A 176 -20.89 -15.30 -1.68
C MET A 176 -20.44 -16.77 -1.61
N GLY A 177 -19.15 -17.02 -1.37
CA GLY A 177 -18.64 -18.39 -1.27
C GLY A 177 -18.13 -19.00 -2.57
N GLU A 178 -18.12 -18.24 -3.65
CA GLU A 178 -17.66 -18.74 -4.93
C GLU A 178 -16.16 -18.52 -5.10
N PHE A 179 -15.43 -19.61 -5.39
CA PHE A 179 -14.00 -19.44 -5.64
C PHE A 179 -13.77 -18.65 -6.89
N TYR A 180 -12.81 -17.73 -6.83
CA TYR A 180 -12.25 -17.15 -8.04
C TYR A 180 -11.55 -18.26 -8.83
N GLY A 181 -11.53 -18.05 -10.15
CA GLY A 181 -10.72 -18.84 -11.04
C GLY A 181 -11.06 -20.31 -11.09
N GLY A 182 -12.19 -20.70 -10.51
CA GLY A 182 -12.50 -22.14 -10.47
C GLY A 182 -11.52 -23.01 -9.67
N TYR A 183 -10.80 -22.43 -8.73
CA TYR A 183 -10.02 -23.22 -7.82
C TYR A 183 -10.93 -23.85 -6.79
N VAL A 184 -10.32 -24.70 -5.94
CA VAL A 184 -11.02 -25.37 -4.85
C VAL A 184 -10.13 -25.37 -3.62
N ASP A 185 -10.77 -25.44 -2.44
CA ASP A 185 -10.08 -25.46 -1.15
C ASP A 185 -9.56 -26.86 -0.78
N GLU A 186 -8.73 -27.39 -1.69
CA GLU A 186 -8.13 -28.71 -1.50
C GLU A 186 -6.63 -28.62 -1.79
N GLU A 187 -5.86 -29.40 -1.02
CA GLU A 187 -4.40 -29.39 -1.15
C GLU A 187 -3.98 -30.43 -2.17
N VAL A 188 -4.28 -30.10 -3.41
CA VAL A 188 -4.02 -30.90 -4.58
C VAL A 188 -3.50 -30.00 -5.69
N ALA A 189 -2.88 -30.62 -6.69
CA ALA A 189 -2.53 -29.94 -7.93
C ALA A 189 -3.76 -29.38 -8.60
N GLN A 190 -3.66 -28.12 -9.02
CA GLN A 190 -4.75 -27.44 -9.67
C GLN A 190 -4.22 -26.73 -10.90
N ARG A 191 -5.09 -26.56 -11.89
CA ARG A 191 -4.77 -25.89 -13.15
C ARG A 191 -4.75 -24.37 -12.96
N VAL A 192 -3.61 -23.73 -13.22
CA VAL A 192 -3.47 -22.28 -13.10
C VAL A 192 -3.21 -21.68 -14.48
N PRO A 193 -4.19 -21.04 -15.09
CA PRO A 193 -3.97 -20.44 -16.43
C PRO A 193 -2.96 -19.31 -16.38
N PRO A 194 -2.45 -18.91 -17.56
CA PRO A 194 -1.55 -17.76 -17.67
C PRO A 194 -2.09 -16.52 -16.98
N ASP A 195 -1.15 -15.80 -16.38
CA ASP A 195 -1.37 -14.46 -15.83
C ASP A 195 -1.04 -13.45 -16.93
N ASN A 196 -2.06 -12.85 -17.52
CA ASN A 196 -1.88 -11.89 -18.61
C ASN A 196 -1.73 -10.48 -18.05
N LEU A 197 -0.78 -9.73 -18.59
CA LEU A 197 -0.64 -8.34 -18.14
C LEU A 197 -1.92 -7.56 -18.44
N VAL A 198 -2.34 -6.72 -17.47
CA VAL A 198 -3.66 -6.10 -17.51
C VAL A 198 -3.59 -4.77 -18.28
N THR A 199 -4.03 -4.83 -19.55
CA THR A 199 -3.92 -3.69 -20.47
C THR A 199 -4.57 -2.44 -19.90
N ASN A 200 -5.81 -2.54 -19.40
CA ASN A 200 -6.50 -1.35 -18.93
C ASN A 200 -5.72 -0.65 -17.83
N ASN A 201 -5.01 -1.43 -17.01
CA ASN A 201 -4.24 -0.80 -15.94
C ASN A 201 -2.92 -0.23 -16.47
N ILE A 202 -2.30 -0.92 -17.44
CA ILE A 202 -1.13 -0.35 -18.10
C ILE A 202 -1.49 0.99 -18.74
N VAL A 203 -2.66 1.05 -19.39
CA VAL A 203 -3.10 2.32 -20.00
C VAL A 203 -3.18 3.39 -18.91
N ALA A 204 -3.76 3.04 -17.75
CA ALA A 204 -3.82 4.00 -16.65
C ALA A 204 -2.44 4.47 -16.25
N TRP A 205 -1.48 3.53 -16.16
CA TRP A 205 -0.12 3.88 -15.74
C TRP A 205 0.55 4.78 -16.78
N LEU A 206 0.31 4.51 -18.07
CA LEU A 206 0.85 5.39 -19.11
C LEU A 206 0.25 6.79 -19.07
N TYR A 207 -1.05 6.91 -18.77
CA TYR A 207 -1.61 8.25 -18.62
C TYR A 207 -1.00 8.93 -17.41
N ALA A 208 -0.75 8.16 -16.35
CA ALA A 208 -0.10 8.76 -15.18
C ALA A 208 1.25 9.32 -15.58
N ALA A 209 1.97 8.58 -16.42
CA ALA A 209 3.31 8.99 -16.83
C ALA A 209 3.25 10.23 -17.72
N ILE A 210 2.32 10.23 -18.68
CA ILE A 210 2.02 11.42 -19.49
C ILE A 210 1.75 12.63 -18.61
N ILE A 211 0.92 12.46 -17.58
CA ILE A 211 0.59 13.57 -16.67
C ILE A 211 1.83 14.02 -15.95
N SER A 212 2.67 13.08 -15.53
CA SER A 212 3.88 13.48 -14.82
C SER A 212 4.85 14.23 -15.73
N VAL A 213 4.99 13.77 -16.98
CA VAL A 213 5.93 14.42 -17.90
C VAL A 213 5.40 15.79 -18.29
N LYS A 214 4.08 15.92 -18.44
CA LYS A 214 3.51 17.25 -18.73
C LYS A 214 3.81 18.23 -17.60
N GLU A 215 3.74 17.78 -16.35
CA GLU A 215 3.95 18.65 -15.19
C GLU A 215 5.42 18.97 -14.96
N SER A 216 6.32 18.09 -15.41
CA SER A 216 7.78 18.24 -15.19
C SER A 216 8.52 18.86 -16.36
N SER A 217 8.06 18.68 -17.58
CA SER A 217 8.82 19.08 -18.76
C SER A 217 7.98 19.81 -19.80
N PHE A 218 6.69 19.98 -19.56
CA PHE A 218 5.80 20.75 -20.44
C PHE A 218 5.84 20.19 -21.87
N SER A 219 5.84 18.86 -21.97
CA SER A 219 5.93 18.17 -23.26
C SER A 219 5.30 16.79 -23.14
N LEU A 220 5.02 16.18 -24.30
CA LEU A 220 4.65 14.78 -24.31
C LEU A 220 5.87 13.91 -24.00
N PRO A 221 5.67 12.69 -23.51
CA PRO A 221 6.82 11.81 -23.27
C PRO A 221 7.50 11.40 -24.56
N LYS A 222 8.84 11.28 -24.46
CA LYS A 222 9.66 10.81 -25.59
C LYS A 222 9.26 9.42 -26.05
N TRP A 223 8.76 8.57 -25.16
CA TRP A 223 8.46 7.19 -25.49
C TRP A 223 7.06 7.00 -26.08
N LEU A 224 6.26 8.06 -26.15
CA LEU A 224 4.87 7.91 -26.55
C LEU A 224 4.78 7.83 -28.07
N GLU A 225 4.24 6.72 -28.57
CA GLU A 225 4.09 6.53 -30.02
C GLU A 225 3.16 7.58 -30.60
N SER A 226 3.51 8.09 -31.80
CA SER A 226 2.68 9.07 -32.51
C SER A 226 1.56 8.40 -33.32
N THR A 227 1.77 7.15 -33.76
CA THR A 227 0.77 6.40 -34.51
C THR A 227 -0.23 5.72 -33.56
N THR A 228 -1.44 5.50 -34.05
CA THR A 228 -2.45 4.77 -33.30
C THR A 228 -2.49 3.33 -33.79
N VAL A 229 -3.00 2.42 -32.94
CA VAL A 229 -3.41 1.08 -33.36
C VAL A 229 -4.88 0.96 -32.99
N SER A 230 -5.68 0.31 -33.84
CA SER A 230 -7.07 0.15 -33.48
C SER A 230 -7.21 -0.83 -32.31
N VAL A 231 -8.29 -0.64 -31.54
CA VAL A 231 -8.57 -1.53 -30.42
C VAL A 231 -8.71 -2.96 -30.91
N ASP A 232 -9.38 -3.18 -32.05
CA ASP A 232 -9.52 -4.56 -32.52
C ASP A 232 -8.16 -5.15 -32.89
N ASP A 233 -7.32 -4.35 -33.54
CA ASP A 233 -6.00 -4.82 -33.88
C ASP A 233 -5.18 -5.08 -32.63
N TYR A 234 -5.25 -4.15 -31.67
CA TYR A 234 -4.53 -4.35 -30.41
C TYR A 234 -5.00 -5.65 -29.73
N ASN A 235 -6.30 -5.90 -29.71
CA ASN A 235 -6.80 -7.03 -28.96
C ASN A 235 -6.42 -8.37 -29.60
N LYS A 236 -6.34 -8.42 -30.94
CA LYS A 236 -5.79 -9.61 -31.56
C LYS A 236 -4.34 -9.83 -31.12
N TRP A 237 -3.55 -8.75 -31.12
CA TRP A 237 -2.17 -8.87 -30.70
C TRP A 237 -2.08 -9.31 -29.23
N ALA A 238 -2.94 -8.74 -28.37
CA ALA A 238 -2.89 -9.05 -26.93
C ALA A 238 -3.12 -10.53 -26.68
N GLY A 239 -4.07 -11.14 -27.39
CA GLY A 239 -4.34 -12.55 -27.21
C GLY A 239 -3.19 -13.45 -27.58
N ASP A 240 -2.30 -12.98 -28.44
CA ASP A 240 -1.11 -13.74 -28.77
C ASP A 240 0.10 -13.37 -27.95
N ASN A 241 0.03 -12.32 -27.13
CA ASN A 241 1.25 -11.87 -26.49
C ASN A 241 1.12 -11.74 -24.97
N GLY A 242 0.11 -12.37 -24.38
CA GLY A 242 0.02 -12.41 -22.93
C GLY A 242 -0.47 -11.14 -22.26
N PHE A 243 -1.35 -10.42 -22.93
CA PHE A 243 -2.02 -9.21 -22.43
C PHE A 243 -3.51 -9.46 -22.44
N THR A 244 -4.20 -8.82 -21.50
CA THR A 244 -5.65 -8.85 -21.49
C THR A 244 -6.19 -7.94 -22.59
N PRO A 245 -7.44 -8.12 -23.00
CA PRO A 245 -8.01 -7.17 -23.97
C PRO A 245 -8.18 -5.79 -23.38
N PHE A 246 -7.98 -4.77 -24.22
CA PHE A 246 -8.39 -3.43 -23.87
C PHE A 246 -9.90 -3.31 -23.93
N SER A 247 -10.47 -2.57 -22.99
CA SER A 247 -11.87 -2.17 -23.06
C SER A 247 -12.07 -0.78 -22.51
N THR A 248 -12.86 0.06 -23.21
CA THR A 248 -13.12 1.42 -22.73
C THR A 248 -13.79 1.45 -21.35
N SER A 249 -13.59 2.55 -20.65
CA SER A 249 -14.23 2.77 -19.37
C SER A 249 -14.36 4.27 -19.16
N THR A 250 -15.28 4.65 -18.26
CA THR A 250 -15.47 6.06 -17.95
C THR A 250 -14.17 6.72 -17.50
N ALA A 251 -13.41 6.04 -16.63
CA ALA A 251 -12.17 6.63 -16.14
C ALA A 251 -11.13 6.78 -17.25
N ILE A 252 -11.01 5.76 -18.10
CA ILE A 252 -10.04 5.87 -19.18
C ILE A 252 -10.44 7.00 -20.12
N THR A 253 -11.75 7.14 -20.41
CA THR A 253 -12.20 8.28 -21.23
C THR A 253 -11.84 9.62 -20.58
N LYS A 254 -12.06 9.74 -19.27
CA LYS A 254 -11.69 10.97 -18.56
C LYS A 254 -10.18 11.24 -18.64
N LEU A 255 -9.36 10.19 -18.54
CA LEU A 255 -7.92 10.41 -18.64
C LEU A 255 -7.51 10.83 -20.05
N SER A 256 -8.11 10.20 -21.06
CA SER A 256 -7.82 10.59 -22.44
C SER A 256 -8.19 12.03 -22.66
N ALA A 257 -9.34 12.47 -22.13
CA ALA A 257 -9.76 13.83 -22.39
C ALA A 257 -8.93 14.84 -21.60
N ILE A 258 -8.54 14.47 -20.38
CA ILE A 258 -7.74 15.37 -19.54
C ILE A 258 -6.40 15.60 -20.18
N THR A 259 -5.79 14.53 -20.67
CA THR A 259 -4.46 14.64 -21.26
C THR A 259 -4.48 15.04 -22.71
N GLY A 260 -5.63 14.88 -23.39
CA GLY A 260 -5.68 15.04 -24.83
C GLY A 260 -5.00 13.97 -25.65
N VAL A 261 -4.67 12.81 -25.06
CA VAL A 261 -3.93 11.79 -25.77
C VAL A 261 -4.86 10.62 -26.05
N ASP A 262 -5.02 10.31 -27.33
CA ASP A 262 -5.82 9.17 -27.77
C ASP A 262 -5.32 7.87 -27.16
N VAL A 263 -6.25 7.07 -26.59
CA VAL A 263 -5.83 5.84 -25.93
C VAL A 263 -5.20 4.89 -26.94
N CYS A 264 -5.52 5.06 -28.24
CA CYS A 264 -4.93 4.16 -29.20
C CYS A 264 -3.46 4.43 -29.42
N LYS A 265 -2.97 5.63 -29.08
CA LYS A 265 -1.54 5.89 -29.08
C LYS A 265 -0.86 5.13 -27.93
N LEU A 266 -1.57 4.99 -26.81
CA LEU A 266 -1.05 4.21 -25.68
C LEU A 266 -1.02 2.73 -26.04
N LEU A 267 -2.05 2.23 -26.71
CA LEU A 267 -2.06 0.81 -27.09
C LEU A 267 -0.91 0.53 -28.05
N ARG A 268 -0.62 1.45 -28.97
CA ARG A 268 0.49 1.22 -29.87
C ARG A 268 1.80 1.22 -29.11
N THR A 269 1.90 2.11 -28.11
CA THR A 269 3.07 2.16 -27.24
C THR A 269 3.29 0.85 -26.51
N ILE A 270 2.24 0.24 -25.99
CA ILE A 270 2.41 -1.06 -25.36
C ILE A 270 3.00 -2.07 -26.32
N MET A 271 2.43 -2.14 -27.54
CA MET A 271 2.94 -3.11 -28.50
C MET A 271 4.40 -2.85 -28.81
N VAL A 272 4.75 -1.58 -29.04
CA VAL A 272 6.14 -1.28 -29.40
C VAL A 272 7.07 -1.55 -28.22
N LYS A 273 6.71 -1.08 -27.02
CA LYS A 273 7.65 -1.22 -25.91
C LYS A 273 7.74 -2.67 -25.46
N ASN A 274 6.67 -3.45 -25.68
CA ASN A 274 6.75 -4.86 -25.27
C ASN A 274 7.75 -5.61 -26.15
N SER A 275 7.76 -5.29 -27.44
CA SER A 275 8.66 -5.98 -28.38
C SER A 275 10.10 -5.51 -28.22
N GLN A 276 10.30 -4.24 -27.91
CA GLN A 276 11.63 -3.69 -27.68
C GLN A 276 11.47 -2.44 -26.82
N TRP A 277 11.75 -2.57 -25.53
CA TRP A 277 11.57 -1.41 -24.66
C TRP A 277 12.61 -0.33 -24.94
N GLY A 278 13.87 -0.74 -25.12
CA GLY A 278 14.93 0.23 -25.30
C GLY A 278 15.38 0.79 -23.96
N GLY A 279 16.10 1.89 -24.01
CA GLY A 279 16.65 2.47 -22.81
C GLY A 279 15.88 3.62 -22.18
N ASP A 280 14.74 4.04 -22.73
CA ASP A 280 13.96 5.10 -22.09
C ASP A 280 13.04 4.50 -21.04
N PRO A 281 13.11 4.93 -19.80
CA PRO A 281 12.21 4.38 -18.78
C PRO A 281 10.86 5.07 -18.85
N ILE A 282 9.87 4.40 -18.29
CA ILE A 282 8.57 5.01 -18.05
C ILE A 282 8.38 5.05 -16.55
N LEU A 283 8.21 6.23 -15.99
CA LEU A 283 8.11 6.41 -14.54
C LEU A 283 9.19 5.58 -13.84
N GLY A 284 10.41 5.66 -14.36
CA GLY A 284 11.54 4.99 -13.68
C GLY A 284 11.79 3.54 -14.06
N GLN A 285 10.88 2.89 -14.80
CA GLN A 285 10.88 1.45 -15.00
C GLN A 285 11.07 1.11 -16.48
N TYR A 286 11.47 -0.16 -16.68
CA TYR A 286 11.58 -0.78 -17.99
C TYR A 286 10.66 -2.00 -18.09
N ASN A 287 9.62 -2.04 -17.24
CA ASN A 287 8.59 -3.07 -17.32
C ASN A 287 7.22 -2.43 -17.04
N PHE A 288 6.16 -3.02 -17.58
CA PHE A 288 4.83 -2.41 -17.42
C PHE A 288 4.30 -2.59 -16.00
N GLU A 289 3.84 -1.51 -15.39
CA GLU A 289 3.08 -1.60 -14.17
C GLU A 289 1.61 -1.83 -14.57
N ASP A 290 1.00 -2.89 -13.98
CA ASP A 290 -0.39 -3.15 -14.33
C ASP A 290 -1.26 -3.34 -13.11
N GLU A 291 -0.88 -2.79 -11.95
CA GLU A 291 -1.74 -2.84 -10.78
C GLU A 291 -2.19 -1.47 -10.28
N LEU A 292 -2.01 -0.42 -11.09
CA LEU A 292 -2.57 0.91 -10.84
C LEU A 292 -3.73 1.09 -11.81
N THR A 293 -4.93 1.32 -11.29
CA THR A 293 -6.15 1.35 -12.12
C THR A 293 -6.40 2.75 -12.69
N PRO A 294 -7.23 2.82 -13.75
CA PRO A 294 -7.64 4.14 -14.27
C PRO A 294 -8.36 4.96 -13.23
N GLU A 295 -9.19 4.32 -12.41
CA GLU A 295 -9.91 5.05 -11.39
C GLU A 295 -8.95 5.67 -10.38
N SER A 296 -7.96 4.88 -9.98
CA SER A 296 -7.01 5.40 -9.00
C SER A 296 -6.18 6.53 -9.60
N VAL A 297 -5.73 6.39 -10.85
CA VAL A 297 -4.99 7.48 -11.47
C VAL A 297 -5.86 8.74 -11.52
N PHE A 298 -7.12 8.61 -12.00
CA PHE A 298 -8.01 9.77 -12.04
C PHE A 298 -8.15 10.42 -10.67
N ASN A 299 -8.29 9.60 -9.63
CA ASN A 299 -8.46 10.14 -8.27
C ASN A 299 -7.23 10.86 -7.80
N GLN A 300 -6.06 10.50 -8.30
CA GLN A 300 -4.84 11.13 -7.84
C GLN A 300 -4.45 12.37 -8.65
N ILE A 301 -5.29 12.77 -9.63
CA ILE A 301 -5.21 14.10 -10.24
C ILE A 301 -6.24 15.03 -9.59
N GLY A 302 -7.22 14.47 -8.86
CA GLY A 302 -8.28 15.26 -8.23
C GLY A 302 -9.69 14.94 -8.73
N SER B 1 3.74 -17.24 1.71
CA SER B 1 4.68 -16.75 0.68
C SER B 1 4.19 -15.46 0.01
N GLY B 2 5.02 -14.88 -0.82
CA GLY B 2 4.76 -13.58 -1.43
C GLY B 2 5.25 -12.42 -0.59
N PHE B 3 5.72 -11.38 -1.29
CA PHE B 3 6.26 -10.21 -0.66
C PHE B 3 5.51 -8.97 -1.13
N LYS B 4 5.09 -8.16 -0.16
CA LYS B 4 4.37 -6.93 -0.43
C LYS B 4 4.96 -5.83 0.46
N LYS B 5 4.78 -4.59 0.02
CA LYS B 5 5.12 -3.44 0.88
C LYS B 5 3.89 -3.18 1.74
N LEU B 6 3.99 -3.45 3.02
CA LEU B 6 2.84 -3.42 3.90
C LEU B 6 2.63 -2.00 4.44
N VAL B 7 1.37 -1.66 4.62
CA VAL B 7 0.93 -0.47 5.32
C VAL B 7 0.39 -0.84 6.69
N SER B 8 0.65 0.01 7.67
CA SER B 8 0.08 -0.15 8.98
C SER B 8 -1.42 0.06 8.97
N PRO B 9 -2.17 -0.69 9.79
CA PRO B 9 -3.61 -0.42 9.89
C PRO B 9 -3.83 0.98 10.44
N SER B 10 -4.94 1.59 10.03
CA SER B 10 -5.10 3.01 10.21
C SER B 10 -6.07 3.41 11.31
N SER B 11 -6.76 2.49 12.00
CA SER B 11 -7.82 2.96 12.89
C SER B 11 -7.31 3.89 14.00
N ALA B 12 -6.17 3.58 14.60
CA ALA B 12 -5.70 4.44 15.70
C ALA B 12 -5.39 5.84 15.20
N VAL B 13 -4.90 5.97 13.98
CA VAL B 13 -4.53 7.28 13.44
C VAL B 13 -5.77 8.04 12.99
N GLU B 14 -6.72 7.33 12.36
CA GLU B 14 -7.98 7.96 11.97
C GLU B 14 -8.62 8.67 13.16
N LYS B 15 -8.50 8.10 14.34
CA LYS B 15 -9.10 8.70 15.55
C LYS B 15 -8.39 9.94 15.99
N CYS B 16 -7.30 10.30 15.34
CA CYS B 16 -6.54 11.49 15.73
C CYS B 16 -6.47 12.50 14.63
N ILE B 17 -7.01 12.21 13.43
CA ILE B 17 -6.90 13.20 12.36
C ILE B 17 -8.13 14.10 12.41
N VAL B 18 -7.88 15.40 12.34
CA VAL B 18 -8.94 16.39 12.33
C VAL B 18 -8.71 17.37 11.19
N SER B 19 -9.78 18.07 10.85
CA SER B 19 -9.69 19.18 9.90
C SER B 19 -9.26 20.44 10.64
N VAL B 20 -8.32 21.19 10.06
CA VAL B 20 -7.98 22.52 10.58
C VAL B 20 -8.00 23.52 9.41
N SER B 21 -8.87 24.55 9.52
CA SER B 21 -8.93 25.58 8.48
C SER B 21 -8.79 26.94 9.13
N TYR B 22 -8.25 27.87 8.38
CA TYR B 22 -8.07 29.24 8.88
C TYR B 22 -8.17 30.14 7.66
N ARG B 23 -9.20 31.00 7.64
CA ARG B 23 -9.38 32.04 6.59
C ARG B 23 -9.19 31.49 5.19
N GLY B 24 -9.78 30.30 4.96
CA GLY B 24 -9.84 29.71 3.63
C GLY B 24 -8.72 28.73 3.34
N ASN B 25 -7.74 28.62 4.21
CA ASN B 25 -6.66 27.65 4.07
C ASN B 25 -7.11 26.36 4.76
N ASN B 26 -7.21 25.26 4.00
CA ASN B 26 -7.72 23.99 4.49
C ASN B 26 -6.64 22.96 4.56
N LEU B 27 -6.34 22.56 5.79
CA LEU B 27 -5.34 21.52 6.03
C LEU B 27 -5.87 20.49 7.03
N ASN B 28 -4.98 19.58 7.46
CA ASN B 28 -5.33 18.56 8.43
C ASN B 28 -4.44 18.72 9.66
N GLY B 29 -4.91 18.22 10.81
CA GLY B 29 -4.09 18.25 12.00
C GLY B 29 -4.10 16.90 12.66
N LEU B 30 -3.14 16.72 13.59
CA LEU B 30 -3.01 15.52 14.39
C LEU B 30 -3.37 15.88 15.82
N TRP B 31 -4.43 15.27 16.35
CA TRP B 31 -4.98 15.66 17.64
C TRP B 31 -4.59 14.60 18.65
N LEU B 32 -3.71 14.95 19.60
CA LEU B 32 -3.22 14.04 20.66
C LEU B 32 -3.32 14.76 22.00
N GLY B 33 -3.99 14.13 22.97
CA GLY B 33 -4.26 14.83 24.23
C GLY B 33 -5.06 16.07 23.94
N ASP B 34 -4.66 17.22 24.53
CA ASP B 34 -5.35 18.46 24.26
C ASP B 34 -4.60 19.32 23.23
N THR B 35 -3.84 18.70 22.32
CA THR B 35 -2.96 19.39 21.40
C THR B 35 -3.20 18.99 19.95
N ILE B 36 -3.34 19.97 19.06
CA ILE B 36 -3.39 19.71 17.64
C ILE B 36 -2.07 20.18 17.04
N TYR B 37 -1.42 19.30 16.29
CA TYR B 37 -0.25 19.63 15.49
C TYR B 37 -0.67 19.81 14.04
N CYS B 38 -0.28 20.94 13.42
CA CYS B 38 -0.62 21.10 12.01
C CYS B 38 0.42 22.05 11.37
N PRO B 39 0.57 22.02 10.05
CA PRO B 39 1.58 22.92 9.42
C PRO B 39 1.21 24.39 9.62
N ARG B 40 2.23 25.20 9.89
CA ARG B 40 1.96 26.59 10.21
C ARG B 40 1.44 27.37 9.02
N HIS B 41 1.61 26.90 7.76
CA HIS B 41 1.06 27.64 6.63
C HIS B 41 -0.46 27.59 6.55
N VAL B 42 -1.14 26.95 7.51
CA VAL B 42 -2.58 27.19 7.64
C VAL B 42 -2.86 28.66 7.90
N LEU B 43 -1.89 29.38 8.49
CA LEU B 43 -2.03 30.82 8.73
C LEU B 43 -1.82 31.67 7.49
N GLY B 44 -1.25 31.12 6.43
CA GLY B 44 -0.86 31.86 5.23
C GLY B 44 0.56 31.54 4.83
N LYS B 45 0.99 32.18 3.74
CA LYS B 45 2.29 31.83 3.15
C LYS B 45 3.31 32.91 3.51
N PHE B 46 3.91 32.77 4.69
CA PHE B 46 4.88 33.75 5.19
C PHE B 46 6.30 33.17 5.20
N SER B 47 7.28 33.97 5.66
CA SER B 47 8.66 33.51 5.63
C SER B 47 9.45 34.10 6.77
N GLY B 48 10.50 33.38 7.19
CA GLY B 48 11.46 33.90 8.14
C GLY B 48 10.83 34.43 9.41
N ASP B 49 11.19 35.67 9.77
CA ASP B 49 10.74 36.28 11.02
C ASP B 49 9.32 36.80 10.94
N GLN B 50 8.66 36.69 9.78
CA GLN B 50 7.26 37.08 9.71
C GLN B 50 6.39 36.18 10.58
N TRP B 51 6.84 34.94 10.84
CA TRP B 51 5.95 33.94 11.45
C TRP B 51 5.52 34.33 12.86
N ASN B 52 6.43 34.84 13.68
CA ASN B 52 6.06 35.13 15.06
C ASN B 52 5.05 36.29 15.14
N ASP B 53 5.17 37.27 14.25
CA ASP B 53 4.20 38.35 14.22
C ASP B 53 2.84 37.87 13.71
N VAL B 54 2.85 37.04 12.67
CA VAL B 54 1.63 36.35 12.24
C VAL B 54 1.02 35.59 13.40
N LEU B 55 1.84 34.84 14.13
CA LEU B 55 1.27 34.08 15.24
C LEU B 55 0.62 35.01 16.24
N ASN B 56 1.28 36.13 16.56
CA ASN B 56 0.72 36.98 17.61
C ASN B 56 -0.58 37.63 17.18
N LEU B 57 -0.75 37.93 15.88
CA LEU B 57 -1.98 38.54 15.36
C LEU B 57 -3.10 37.54 15.10
N ALA B 58 -2.81 36.23 15.10
CA ALA B 58 -3.83 35.24 14.78
C ALA B 58 -4.88 35.17 15.89
N ASN B 59 -6.06 34.65 15.57
CA ASN B 59 -7.04 34.54 16.65
C ASN B 59 -7.61 33.15 16.71
N ASN B 60 -7.51 32.64 17.95
CA ASN B 60 -7.94 31.29 18.25
C ASN B 60 -9.31 31.02 17.72
N HIS B 61 -10.22 32.01 17.76
CA HIS B 61 -11.60 31.71 17.46
C HIS B 61 -11.85 31.50 15.98
N GLU B 62 -10.88 31.80 15.14
CA GLU B 62 -10.98 31.62 13.71
C GLU B 62 -10.35 30.31 13.22
N PHE B 63 -9.74 29.53 14.10
CA PHE B 63 -9.37 28.15 13.72
C PHE B 63 -10.64 27.31 13.71
N GLU B 64 -11.03 26.84 12.53
CA GLU B 64 -12.16 25.95 12.36
C GLU B 64 -11.65 24.52 12.36
N VAL B 65 -11.96 23.81 13.42
CA VAL B 65 -11.44 22.46 13.68
C VAL B 65 -12.62 21.53 13.85
N THR B 66 -12.69 20.50 13.01
CA THR B 66 -13.76 19.53 13.12
C THR B 66 -13.22 18.12 13.15
N THR B 67 -13.87 17.24 13.91
CA THR B 67 -13.50 15.84 14.03
C THR B 67 -14.26 15.06 12.96
N GLN B 68 -13.85 13.82 12.75
CA GLN B 68 -14.51 13.02 11.72
C GLN B 68 -15.94 12.69 12.11
N HIS B 69 -16.29 12.82 13.39
CA HIS B 69 -17.66 12.72 13.86
C HIS B 69 -18.42 14.05 13.77
N GLY B 70 -17.79 15.09 13.24
CA GLY B 70 -18.43 16.38 13.03
C GLY B 70 -18.54 17.25 14.26
N VAL B 71 -17.83 16.92 15.36
CA VAL B 71 -17.74 17.77 16.54
C VAL B 71 -16.80 18.92 16.21
N THR B 72 -17.18 20.12 16.59
CA THR B 72 -16.31 21.27 16.46
C THR B 72 -15.41 21.36 17.69
N LEU B 73 -14.11 21.54 17.49
CA LEU B 73 -13.24 21.75 18.63
C LEU B 73 -12.87 23.22 18.74
N ASN B 74 -12.54 23.65 19.96
CA ASN B 74 -12.26 25.05 20.23
C ASN B 74 -10.82 25.24 20.64
N VAL B 75 -10.10 26.07 19.90
CA VAL B 75 -8.72 26.35 20.21
C VAL B 75 -8.64 27.36 21.35
N VAL B 76 -7.82 27.05 22.35
CA VAL B 76 -7.65 27.95 23.49
C VAL B 76 -6.24 28.53 23.62
N SER B 77 -5.23 27.99 22.93
CA SER B 77 -3.90 28.57 22.91
C SER B 77 -3.21 28.14 21.63
N ARG B 78 -2.16 28.88 21.26
CA ARG B 78 -1.41 28.59 20.05
C ARG B 78 0.06 28.91 20.28
N ARG B 79 0.93 28.14 19.66
CA ARG B 79 2.36 28.42 19.62
C ARG B 79 2.96 27.76 18.39
N LEU B 80 4.15 28.22 18.02
CA LEU B 80 4.91 27.64 16.92
C LEU B 80 6.05 26.82 17.48
N LYS B 81 6.30 25.65 16.89
CA LYS B 81 7.51 24.89 17.19
C LYS B 81 8.08 24.49 15.83
N GLY B 82 9.18 25.11 15.45
CA GLY B 82 9.67 24.92 14.09
C GLY B 82 8.58 25.36 13.11
N ALA B 83 8.30 24.50 12.12
CA ALA B 83 7.30 24.81 11.11
C ALA B 83 5.95 24.21 11.45
N VAL B 84 5.76 23.74 12.69
CA VAL B 84 4.47 23.19 13.12
C VAL B 84 3.79 24.15 14.06
N LEU B 85 2.50 24.36 13.82
CA LEU B 85 1.63 25.07 14.71
C LEU B 85 1.02 24.10 15.70
N ILE B 86 1.05 24.50 16.98
CA ILE B 86 0.58 23.66 18.07
C ILE B 86 -0.61 24.37 18.72
N LEU B 87 -1.79 23.82 18.55
CA LEU B 87 -3.03 24.45 19.00
C LEU B 87 -3.59 23.67 20.16
N GLN B 88 -3.83 24.33 21.28
CA GLN B 88 -4.39 23.57 22.40
C GLN B 88 -5.91 23.63 22.29
N THR B 89 -6.57 22.51 22.59
CA THR B 89 -8.01 22.42 22.55
C THR B 89 -8.58 22.42 23.96
N ALA B 90 -9.85 22.79 24.06
CA ALA B 90 -10.46 22.93 25.39
C ALA B 90 -10.71 21.58 26.03
N VAL B 91 -10.87 20.54 25.23
CA VAL B 91 -11.08 19.19 25.72
C VAL B 91 -10.04 18.29 25.07
N ALA B 92 -9.65 17.21 25.76
CA ALA B 92 -8.67 16.29 25.22
C ALA B 92 -9.31 15.21 24.35
N ASN B 93 -8.51 14.69 23.42
CA ASN B 93 -8.91 13.54 22.63
C ASN B 93 -8.86 12.27 23.51
N ALA B 94 -10.02 11.76 23.86
CA ALA B 94 -10.10 10.56 24.70
C ALA B 94 -9.66 9.30 23.98
N GLU B 95 -9.46 9.39 22.67
CA GLU B 95 -8.99 8.27 21.86
C GLU B 95 -7.53 8.42 21.48
N THR B 96 -6.74 9.11 22.29
CA THR B 96 -5.32 9.25 22.03
C THR B 96 -4.61 7.91 22.22
N PRO B 97 -3.90 7.40 21.22
CA PRO B 97 -3.18 6.11 21.37
C PRO B 97 -1.89 6.32 22.14
N LYS B 98 -1.26 5.21 22.54
CA LYS B 98 0.16 5.27 22.91
C LYS B 98 0.95 5.65 21.67
N TYR B 99 1.88 6.58 21.83
CA TYR B 99 2.58 7.10 20.65
C TYR B 99 3.97 7.58 21.04
N LYS B 100 4.80 7.77 20.01
CA LYS B 100 6.10 8.43 20.15
C LYS B 100 6.31 9.29 18.92
N PHE B 101 7.00 10.42 19.11
CA PHE B 101 7.52 11.23 18.00
C PHE B 101 8.96 10.84 17.70
N ILE B 102 9.19 10.21 16.55
CA ILE B 102 10.49 9.68 16.15
C ILE B 102 10.86 10.30 14.80
N LYS B 103 12.15 10.57 14.58
CA LYS B 103 12.64 11.03 13.29
C LYS B 103 13.00 9.81 12.43
N ALA B 104 12.50 9.78 11.20
CA ALA B 104 12.81 8.72 10.27
C ALA B 104 14.21 8.91 9.69
N ASN B 105 14.95 7.81 9.59
CA ASN B 105 16.26 7.90 8.97
C ASN B 105 16.14 7.52 7.50
N CYS B 106 17.18 7.82 6.73
CA CYS B 106 17.18 7.39 5.33
C CYS B 106 16.96 5.88 5.25
N GLY B 107 16.04 5.47 4.40
CA GLY B 107 15.75 4.06 4.17
C GLY B 107 14.63 3.51 5.03
N ASP B 108 14.25 4.21 6.10
CA ASP B 108 13.14 3.77 6.96
C ASP B 108 11.83 3.92 6.18
N SER B 109 11.00 2.89 6.27
CA SER B 109 9.73 2.84 5.56
C SER B 109 8.62 3.11 6.58
N PHE B 110 7.59 3.85 6.18
CA PHE B 110 6.45 4.07 7.07
C PHE B 110 5.21 4.32 6.22
N THR B 111 4.07 4.42 6.87
CA THR B 111 2.79 4.57 6.17
C THR B 111 2.35 6.03 6.16
N ILE B 112 1.92 6.51 5.00
CA ILE B 112 1.26 7.83 4.91
C ILE B 112 -0.24 7.64 5.03
N ALA B 113 -0.84 8.36 5.97
CA ALA B 113 -2.29 8.51 6.03
C ALA B 113 -2.64 9.78 5.28
N CYS B 114 -3.11 9.62 4.06
CA CYS B 114 -3.41 10.77 3.21
C CYS B 114 -4.80 11.29 3.53
N ALA B 115 -4.89 12.51 4.00
CA ALA B 115 -6.12 13.09 4.52
C ALA B 115 -6.49 14.34 3.76
N TYR B 116 -7.81 14.50 3.55
CA TYR B 116 -8.42 15.72 3.05
C TYR B 116 -9.62 16.03 3.90
N GLY B 117 -9.81 17.31 4.25
CA GLY B 117 -10.86 17.70 5.16
C GLY B 117 -10.97 16.98 6.48
N GLY B 118 -9.85 16.50 7.04
CA GLY B 118 -9.89 15.83 8.29
C GLY B 118 -10.22 14.35 8.21
N THR B 119 -10.28 13.78 7.03
CA THR B 119 -10.68 12.39 6.82
C THR B 119 -9.56 11.69 6.07
N VAL B 120 -9.10 10.56 6.60
CA VAL B 120 -8.10 9.79 5.86
C VAL B 120 -8.79 9.12 4.67
N VAL B 121 -8.27 9.38 3.46
CA VAL B 121 -8.91 8.85 2.26
C VAL B 121 -8.18 7.65 1.70
N GLY B 122 -6.93 7.46 2.07
CA GLY B 122 -6.17 6.30 1.62
C GLY B 122 -4.83 6.34 2.30
N LEU B 123 -4.16 5.20 2.23
CA LEU B 123 -2.85 5.04 2.80
C LEU B 123 -1.92 4.47 1.75
N TYR B 124 -0.62 4.64 1.97
CA TYR B 124 0.37 3.99 1.11
C TYR B 124 1.73 4.04 1.83
N PRO B 125 2.65 3.18 1.46
CA PRO B 125 3.97 3.15 2.11
C PRO B 125 4.93 4.04 1.37
N VAL B 126 5.86 4.61 2.14
CA VAL B 126 6.90 5.50 1.60
C VAL B 126 8.19 5.16 2.32
N THR B 127 9.31 5.61 1.75
CA THR B 127 10.64 5.48 2.34
C THR B 127 11.28 6.86 2.44
N MET B 128 11.86 7.16 3.59
CA MET B 128 12.54 8.43 3.71
C MET B 128 13.78 8.34 2.84
N ARG B 129 13.91 9.24 1.87
CA ARG B 129 15.01 9.23 0.91
C ARG B 129 16.22 9.93 1.52
N SER B 130 17.37 9.71 0.88
CA SER B 130 18.66 10.24 1.38
C SER B 130 18.66 11.76 1.47
N ASN B 131 17.85 12.40 0.67
CA ASN B 131 17.82 13.83 0.59
C ASN B 131 16.62 14.43 1.32
N GLY B 132 16.00 13.68 2.24
CA GLY B 132 14.93 14.29 3.04
C GLY B 132 13.61 14.48 2.32
N THR B 133 13.34 13.72 1.28
CA THR B 133 12.06 13.74 0.56
C THR B 133 11.47 12.35 0.65
N ILE B 134 10.19 12.28 0.37
CA ILE B 134 9.53 10.99 0.14
C ILE B 134 8.86 11.08 -1.23
N ARG B 135 8.68 9.91 -1.91
CA ARG B 135 7.89 9.86 -3.15
C ARG B 135 6.47 9.47 -2.76
N ALA B 136 5.60 10.46 -2.67
CA ALA B 136 4.23 10.23 -2.19
C ALA B 136 3.24 10.65 -3.27
N SER B 137 2.02 10.93 -2.85
CA SER B 137 0.90 11.22 -3.73
C SER B 137 0.00 12.16 -2.95
N PHE B 138 0.06 13.44 -3.27
CA PHE B 138 -0.65 14.44 -2.48
C PHE B 138 -1.18 15.51 -3.41
N LEU B 139 -2.34 16.06 -3.04
CA LEU B 139 -2.92 17.21 -3.74
C LEU B 139 -3.12 18.36 -2.77
N ALA B 140 -3.51 19.53 -3.31
CA ALA B 140 -3.95 20.60 -2.42
C ALA B 140 -4.95 20.08 -1.38
N GLY B 141 -4.76 20.50 -0.13
CA GLY B 141 -5.63 20.05 0.93
C GLY B 141 -5.03 18.95 1.79
N ALA B 142 -3.96 18.31 1.30
CA ALA B 142 -3.39 17.14 1.99
C ALA B 142 -2.40 17.52 3.06
N CYS B 143 -2.05 18.80 3.17
CA CYS B 143 -1.05 19.10 4.19
C CYS B 143 -1.54 18.76 5.61
N GLY B 144 -0.60 18.36 6.47
CA GLY B 144 -1.02 17.86 7.73
C GLY B 144 -1.18 16.34 7.74
N SER B 145 -1.24 15.71 6.55
CA SER B 145 -1.23 14.28 6.56
C SER B 145 0.01 13.77 7.29
N VAL B 146 -0.10 12.59 7.88
CA VAL B 146 1.02 12.14 8.69
C VAL B 146 1.61 10.84 8.16
N GLY B 147 2.88 10.63 8.50
CA GLY B 147 3.54 9.34 8.28
C GLY B 147 3.78 8.66 9.63
N PHE B 148 3.53 7.34 9.67
CA PHE B 148 3.50 6.65 10.93
C PHE B 148 3.76 5.18 10.72
N ASN B 149 4.12 4.51 11.83
CA ASN B 149 3.94 3.06 11.85
C ASN B 149 3.46 2.65 13.23
N ILE B 150 3.27 1.33 13.40
CA ILE B 150 2.84 0.83 14.69
C ILE B 150 3.79 -0.30 15.07
N GLU B 151 4.40 -0.19 16.24
CA GLU B 151 5.37 -1.16 16.73
C GLU B 151 5.04 -1.49 18.17
N LYS B 152 4.76 -2.76 18.46
CA LYS B 152 4.54 -3.17 19.85
C LYS B 152 3.45 -2.32 20.50
N GLY B 153 2.36 -2.12 19.76
CA GLY B 153 1.22 -1.35 20.22
C GLY B 153 1.42 0.16 20.38
N VAL B 154 2.52 0.70 19.90
CA VAL B 154 2.81 2.14 19.97
C VAL B 154 2.81 2.73 18.55
N VAL B 155 2.14 3.87 18.38
CA VAL B 155 2.13 4.56 17.09
C VAL B 155 3.35 5.46 17.06
N ASN B 156 4.26 5.22 16.11
CA ASN B 156 5.40 6.10 15.90
C ASN B 156 4.99 7.12 14.84
N PHE B 157 5.09 8.40 15.14
CA PHE B 157 4.77 9.46 14.15
C PHE B 157 6.09 9.99 13.65
N PHE B 158 6.34 9.82 12.36
CA PHE B 158 7.58 10.28 11.74
C PHE B 158 7.45 11.60 11.04
N TYR B 159 6.27 11.91 10.50
CA TYR B 159 6.23 12.84 9.38
C TYR B 159 4.91 13.59 9.38
N MET B 160 4.97 14.89 9.07
CA MET B 160 3.77 15.65 8.76
C MET B 160 4.00 16.37 7.45
N HIS B 161 3.00 16.35 6.55
CA HIS B 161 3.27 16.79 5.18
C HIS B 161 3.04 18.28 4.98
N HIS B 162 4.01 18.94 4.29
CA HIS B 162 3.96 20.39 4.04
C HIS B 162 4.10 20.79 2.58
N LEU B 163 4.94 20.10 1.80
CA LEU B 163 5.52 20.73 0.61
C LEU B 163 5.72 19.73 -0.52
N GLU B 164 5.41 20.15 -1.74
CA GLU B 164 5.71 19.35 -2.93
C GLU B 164 6.77 20.09 -3.74
N LEU B 165 7.88 19.42 -3.98
CA LEU B 165 9.00 19.94 -4.76
C LEU B 165 8.87 19.44 -6.18
N PRO B 166 9.69 19.94 -7.11
CA PRO B 166 9.56 19.48 -8.49
C PRO B 166 9.86 18.00 -8.61
N ASN B 167 9.35 17.41 -9.69
CA ASN B 167 9.54 16.00 -10.00
C ASN B 167 8.81 15.11 -9.01
N ALA B 168 7.68 15.61 -8.51
CA ALA B 168 6.79 14.83 -7.65
C ALA B 168 7.53 14.29 -6.41
N LEU B 169 8.23 15.17 -5.74
CA LEU B 169 8.92 14.86 -4.52
C LEU B 169 8.18 15.60 -3.43
N HIS B 170 8.09 14.99 -2.25
CA HIS B 170 7.31 15.59 -1.16
C HIS B 170 8.18 15.67 0.07
N THR B 171 7.94 16.69 0.91
CA THR B 171 8.65 16.76 2.16
C THR B 171 7.83 17.49 3.20
N GLY B 172 8.37 17.53 4.41
CA GLY B 172 7.61 18.05 5.52
C GLY B 172 8.49 17.95 6.74
N THR B 173 7.86 17.92 7.90
CA THR B 173 8.59 17.96 9.16
C THR B 173 8.42 16.65 9.93
N ASP B 174 9.21 16.47 10.97
CA ASP B 174 8.82 15.49 11.98
C ASP B 174 7.76 16.17 12.84
N LEU B 175 7.32 15.50 13.90
CA LEU B 175 6.25 16.07 14.72
C LEU B 175 6.84 17.02 15.77
N MET B 176 8.13 17.27 15.68
CA MET B 176 8.84 18.34 16.43
C MET B 176 8.86 19.62 15.62
N GLY B 177 8.40 19.60 14.37
CA GLY B 177 8.47 20.79 13.56
C GLY B 177 9.75 20.98 12.74
N GLU B 178 10.70 20.04 12.79
CA GLU B 178 11.92 20.17 12.03
C GLU B 178 11.74 19.60 10.63
N PHE B 179 12.06 20.38 9.60
CA PHE B 179 11.99 19.87 8.24
C PHE B 179 13.02 18.79 7.97
N TYR B 180 12.58 17.70 7.33
CA TYR B 180 13.52 16.77 6.76
C TYR B 180 14.33 17.50 5.68
N GLY B 181 15.57 17.06 5.52
CA GLY B 181 16.41 17.61 4.46
C GLY B 181 16.73 19.09 4.54
N GLY B 182 16.32 19.78 5.60
CA GLY B 182 16.59 21.24 5.65
C GLY B 182 15.83 22.11 4.66
N TYR B 183 14.77 21.60 4.01
CA TYR B 183 13.88 22.43 3.23
C TYR B 183 13.11 23.39 4.15
N VAL B 184 12.35 24.30 3.53
CA VAL B 184 11.55 25.29 4.24
C VAL B 184 10.17 25.37 3.59
N ASP B 185 9.18 25.80 4.40
CA ASP B 185 7.81 25.89 3.95
C ASP B 185 7.60 27.24 3.24
N GLU B 186 8.35 27.42 2.16
CA GLU B 186 8.22 28.62 1.32
C GLU B 186 8.16 28.18 -0.14
N GLU B 187 7.38 28.91 -0.93
CA GLU B 187 7.19 28.64 -2.36
C GLU B 187 8.26 29.36 -3.17
N VAL B 188 9.48 28.83 -3.05
CA VAL B 188 10.67 29.37 -3.68
C VAL B 188 11.47 28.19 -4.17
N ALA B 189 12.40 28.44 -5.07
CA ALA B 189 13.24 27.35 -5.56
C ALA B 189 14.15 26.84 -4.45
N GLN B 190 14.26 25.52 -4.32
CA GLN B 190 15.01 24.94 -3.23
C GLN B 190 15.86 23.83 -3.83
N ARG B 191 17.13 23.81 -3.45
CA ARG B 191 18.04 22.79 -3.95
C ARG B 191 17.63 21.44 -3.38
N VAL B 192 17.56 20.42 -4.25
CA VAL B 192 17.30 19.06 -3.81
C VAL B 192 18.51 18.20 -4.14
N PRO B 193 19.27 17.72 -3.14
CA PRO B 193 20.46 16.90 -3.44
C PRO B 193 20.08 15.60 -4.13
N PRO B 194 21.01 15.02 -4.87
CA PRO B 194 20.72 13.76 -5.57
C PRO B 194 20.24 12.68 -4.62
N ASP B 195 19.22 11.99 -5.05
CA ASP B 195 18.74 10.80 -4.36
C ASP B 195 19.70 9.64 -4.50
N ASN B 196 20.08 9.02 -3.39
CA ASN B 196 20.90 7.81 -3.41
C ASN B 196 20.05 6.57 -3.20
N LEU B 197 20.19 5.61 -4.10
CA LEU B 197 19.44 4.38 -3.91
C LEU B 197 19.86 3.70 -2.62
N VAL B 198 18.88 3.11 -1.92
CA VAL B 198 19.11 2.64 -0.57
C VAL B 198 19.60 1.20 -0.64
N THR B 199 20.92 1.01 -0.47
CA THR B 199 21.54 -0.29 -0.64
C THR B 199 20.94 -1.37 0.27
N ASN B 200 20.69 -1.03 1.54
CA ASN B 200 20.21 -2.04 2.48
C ASN B 200 18.85 -2.57 2.05
N ASN B 201 18.02 -1.68 1.50
CA ASN B 201 16.72 -2.12 1.04
C ASN B 201 16.84 -2.89 -0.25
N ILE B 202 17.74 -2.49 -1.14
CA ILE B 202 17.95 -3.28 -2.36
C ILE B 202 18.39 -4.67 -1.98
N VAL B 203 19.27 -4.76 -1.01
CA VAL B 203 19.71 -6.07 -0.52
C VAL B 203 18.52 -6.90 -0.04
N ALA B 204 17.63 -6.32 0.79
CA ALA B 204 16.38 -7.01 1.16
C ALA B 204 15.62 -7.53 -0.07
N TRP B 205 15.45 -6.68 -1.07
CA TRP B 205 14.68 -7.07 -2.26
C TRP B 205 15.37 -8.20 -3.03
N LEU B 206 16.71 -8.17 -3.15
CA LEU B 206 17.41 -9.27 -3.81
C LEU B 206 17.22 -10.58 -3.04
N TYR B 207 17.26 -10.52 -1.72
CA TYR B 207 16.98 -11.70 -0.93
C TYR B 207 15.53 -12.16 -1.13
N ALA B 208 14.60 -11.22 -1.25
CA ALA B 208 13.22 -11.62 -1.52
C ALA B 208 13.16 -12.33 -2.86
N ALA B 209 13.97 -11.88 -3.82
CA ALA B 209 13.97 -12.46 -5.15
C ALA B 209 14.56 -13.85 -5.11
N ILE B 210 15.60 -14.03 -4.30
CA ILE B 210 16.20 -15.36 -4.16
C ILE B 210 15.20 -16.33 -3.52
N ILE B 211 14.52 -15.91 -2.45
CA ILE B 211 13.51 -16.75 -1.80
C ILE B 211 12.41 -17.12 -2.77
N SER B 212 11.97 -16.15 -3.57
CA SER B 212 10.92 -16.44 -4.53
C SER B 212 11.39 -17.51 -5.51
N VAL B 213 12.59 -17.33 -6.05
CA VAL B 213 13.09 -18.27 -7.05
C VAL B 213 13.27 -19.65 -6.41
N LYS B 214 13.83 -19.69 -5.20
CA LYS B 214 14.15 -20.98 -4.58
C LYS B 214 12.89 -21.73 -4.17
N GLU B 215 11.97 -21.06 -3.47
CA GLU B 215 10.74 -21.69 -3.00
C GLU B 215 9.95 -22.37 -4.13
N SER B 216 10.22 -21.99 -5.38
CA SER B 216 9.49 -22.53 -6.53
C SER B 216 10.43 -22.78 -7.72
N SER B 217 11.65 -23.26 -7.47
CA SER B 217 12.57 -23.67 -8.54
C SER B 217 13.87 -24.30 -8.03
N PHE B 218 14.10 -24.30 -6.71
CA PHE B 218 15.31 -24.83 -6.07
C PHE B 218 16.58 -24.68 -6.90
N SER B 219 16.85 -23.47 -7.36
CA SER B 219 17.99 -23.20 -8.23
C SER B 219 18.26 -21.70 -8.17
N LEU B 220 19.45 -21.30 -7.68
CA LEU B 220 19.77 -19.89 -7.48
C LEU B 220 19.56 -19.08 -8.74
N PRO B 221 19.21 -17.80 -8.62
CA PRO B 221 18.87 -17.03 -9.83
C PRO B 221 20.06 -16.82 -10.73
N LYS B 222 19.81 -16.88 -12.04
CA LYS B 222 20.84 -16.67 -13.05
C LYS B 222 21.49 -15.29 -12.92
N TRP B 223 20.76 -14.29 -12.40
CA TRP B 223 21.32 -12.94 -12.33
C TRP B 223 22.26 -12.75 -11.15
N LEU B 224 22.30 -13.69 -10.22
CA LEU B 224 23.11 -13.55 -9.02
C LEU B 224 24.58 -13.79 -9.36
N GLU B 225 25.42 -12.80 -9.07
CA GLU B 225 26.85 -12.96 -9.25
C GLU B 225 27.40 -13.99 -8.29
N SER B 226 28.35 -14.79 -8.77
CA SER B 226 29.09 -15.70 -7.90
C SER B 226 30.33 -15.04 -7.32
N THR B 227 30.88 -14.03 -8.00
CA THR B 227 31.97 -13.26 -7.42
C THR B 227 31.44 -12.37 -6.31
N THR B 228 32.34 -11.98 -5.43
CA THR B 228 32.02 -11.17 -4.27
C THR B 228 32.76 -9.84 -4.34
N VAL B 229 32.31 -8.91 -3.53
CA VAL B 229 33.02 -7.67 -3.28
C VAL B 229 32.93 -7.43 -1.78
N SER B 230 33.99 -6.90 -1.19
CA SER B 230 33.93 -6.63 0.23
C SER B 230 33.04 -5.42 0.49
N VAL B 231 32.62 -5.31 1.75
CA VAL B 231 31.76 -4.19 2.15
C VAL B 231 32.46 -2.86 1.94
N ASP B 232 33.69 -2.72 2.47
CA ASP B 232 34.37 -1.43 2.28
C ASP B 232 34.58 -1.14 0.81
N ASP B 233 34.77 -2.17 0.00
CA ASP B 233 35.02 -1.90 -1.41
C ASP B 233 33.73 -1.53 -2.13
N TYR B 234 32.62 -2.16 -1.72
CA TYR B 234 31.31 -1.75 -2.24
C TYR B 234 31.00 -0.33 -1.80
N ASN B 235 31.21 -0.05 -0.52
CA ASN B 235 30.94 1.28 0.00
C ASN B 235 31.81 2.36 -0.64
N LYS B 236 33.07 2.05 -0.98
CA LYS B 236 33.82 3.00 -1.82
C LYS B 236 33.07 3.29 -3.11
N TRP B 237 32.68 2.24 -3.83
CA TRP B 237 31.97 2.38 -5.10
C TRP B 237 30.63 3.10 -4.92
N ALA B 238 29.91 2.79 -3.83
CA ALA B 238 28.60 3.40 -3.61
C ALA B 238 28.67 4.91 -3.57
N GLY B 239 29.66 5.44 -2.85
CA GLY B 239 29.82 6.87 -2.76
C GLY B 239 30.02 7.55 -4.11
N ASP B 240 30.56 6.83 -5.10
CA ASP B 240 30.76 7.42 -6.43
C ASP B 240 29.67 7.06 -7.42
N ASN B 241 28.66 6.29 -7.01
CA ASN B 241 27.72 5.76 -7.97
C ASN B 241 26.27 5.96 -7.54
N GLY B 242 26.03 6.78 -6.53
CA GLY B 242 24.68 7.18 -6.17
C GLY B 242 23.91 6.17 -5.35
N PHE B 243 24.62 5.40 -4.50
CA PHE B 243 24.04 4.45 -3.56
C PHE B 243 24.45 4.79 -2.14
N THR B 244 23.55 4.50 -1.19
CA THR B 244 23.88 4.64 0.24
C THR B 244 24.87 3.55 0.65
N PRO B 245 25.59 3.71 1.76
CA PRO B 245 26.49 2.61 2.15
C PRO B 245 25.71 1.40 2.66
N PHE B 246 26.29 0.22 2.40
CA PHE B 246 25.81 -1.00 3.02
C PHE B 246 26.21 -0.99 4.47
N SER B 247 25.27 -1.37 5.32
CA SER B 247 25.54 -1.58 6.73
C SER B 247 24.78 -2.80 7.23
N THR B 248 25.47 -3.59 8.04
CA THR B 248 24.89 -4.81 8.60
C THR B 248 23.68 -4.52 9.47
N SER B 249 22.80 -5.51 9.56
CA SER B 249 21.69 -5.47 10.49
C SER B 249 21.33 -6.90 10.87
N THR B 250 20.59 -7.03 11.96
CA THR B 250 20.07 -8.33 12.34
C THR B 250 19.25 -8.95 11.21
N ALA B 251 18.38 -8.16 10.60
CA ALA B 251 17.52 -8.72 9.57
C ALA B 251 18.33 -9.17 8.37
N ILE B 252 19.27 -8.34 7.90
CA ILE B 252 20.09 -8.78 6.78
C ILE B 252 20.90 -10.02 7.16
N THR B 253 21.42 -10.10 8.40
CA THR B 253 22.16 -11.30 8.79
C THR B 253 21.30 -12.54 8.66
N LYS B 254 20.04 -12.45 9.10
CA LYS B 254 19.13 -13.60 9.05
C LYS B 254 18.79 -13.97 7.62
N LEU B 255 18.55 -12.97 6.77
CA LEU B 255 18.15 -13.26 5.40
C LEU B 255 19.28 -13.99 4.66
N SER B 256 20.52 -13.59 4.95
CA SER B 256 21.67 -14.27 4.35
C SER B 256 21.78 -15.70 4.84
N ALA B 257 21.55 -15.91 6.14
CA ALA B 257 21.53 -17.24 6.72
C ALA B 257 20.42 -18.09 6.12
N ILE B 258 19.21 -17.55 6.08
CA ILE B 258 18.06 -18.31 5.61
C ILE B 258 18.24 -18.72 4.17
N THR B 259 18.76 -17.82 3.34
CA THR B 259 18.89 -18.15 1.92
C THR B 259 20.18 -18.87 1.60
N GLY B 260 21.16 -18.79 2.47
CA GLY B 260 22.44 -19.37 2.14
C GLY B 260 23.28 -18.58 1.17
N VAL B 261 22.89 -17.35 0.83
CA VAL B 261 23.63 -16.58 -0.15
C VAL B 261 24.37 -15.46 0.57
N ASP B 262 25.67 -15.41 0.34
CA ASP B 262 26.55 -14.38 0.86
C ASP B 262 26.10 -13.01 0.40
N VAL B 263 25.92 -12.09 1.36
CA VAL B 263 25.49 -10.74 0.97
C VAL B 263 26.51 -10.08 0.04
N CYS B 264 27.77 -10.49 0.11
CA CYS B 264 28.78 -9.88 -0.75
C CYS B 264 28.59 -10.27 -2.20
N LYS B 265 27.89 -11.37 -2.47
CA LYS B 265 27.48 -11.60 -3.86
C LYS B 265 26.35 -10.66 -4.25
N LEU B 266 25.48 -10.29 -3.31
CA LEU B 266 24.40 -9.38 -3.66
C LEU B 266 24.99 -8.00 -3.96
N LEU B 267 25.98 -7.59 -3.16
CA LEU B 267 26.60 -6.30 -3.43
C LEU B 267 27.28 -6.30 -4.80
N ARG B 268 27.95 -7.40 -5.14
CA ARG B 268 28.57 -7.43 -6.46
C ARG B 268 27.51 -7.42 -7.54
N THR B 269 26.37 -8.04 -7.26
CA THR B 269 25.25 -8.02 -8.19
C THR B 269 24.75 -6.59 -8.40
N ILE B 270 24.63 -5.81 -7.32
CA ILE B 270 24.25 -4.38 -7.45
C ILE B 270 25.22 -3.68 -8.37
N MET B 271 26.52 -3.93 -8.19
CA MET B 271 27.51 -3.19 -8.96
C MET B 271 27.40 -3.53 -10.43
N VAL B 272 27.23 -4.82 -10.74
CA VAL B 272 27.20 -5.27 -12.13
C VAL B 272 25.89 -4.84 -12.79
N LYS B 273 24.78 -5.05 -12.11
CA LYS B 273 23.46 -4.76 -12.66
C LYS B 273 23.30 -3.26 -12.89
N ASN B 274 23.89 -2.45 -12.00
CA ASN B 274 23.79 -1.00 -12.16
C ASN B 274 24.53 -0.55 -13.40
N SER B 275 25.67 -1.18 -13.70
CA SER B 275 26.47 -0.81 -14.86
C SER B 275 25.80 -1.20 -16.16
N GLN B 276 25.33 -2.45 -16.25
CA GLN B 276 24.55 -2.90 -17.40
C GLN B 276 23.60 -3.97 -16.87
N TRP B 277 22.31 -3.64 -16.84
CA TRP B 277 21.35 -4.59 -16.27
C TRP B 277 21.26 -5.87 -17.12
N GLY B 278 21.33 -5.73 -18.45
CA GLY B 278 21.14 -6.88 -19.32
C GLY B 278 19.66 -7.24 -19.42
N GLY B 279 19.41 -8.41 -20.01
CA GLY B 279 18.05 -8.87 -20.28
C GLY B 279 17.38 -9.71 -19.22
N ASP B 280 18.10 -10.06 -18.15
CA ASP B 280 17.54 -10.85 -17.06
C ASP B 280 16.84 -9.95 -16.06
N PRO B 281 15.53 -10.07 -15.87
CA PRO B 281 14.86 -9.27 -14.84
C PRO B 281 15.04 -9.86 -13.45
N ILE B 282 14.83 -9.01 -12.46
CA ILE B 282 14.78 -9.41 -11.06
C ILE B 282 13.38 -9.10 -10.55
N LEU B 283 12.66 -10.14 -10.09
CA LEU B 283 11.24 -10.04 -9.76
C LEU B 283 10.50 -9.17 -10.79
N GLY B 284 10.77 -9.47 -12.05
CA GLY B 284 10.07 -8.81 -13.14
C GLY B 284 10.64 -7.48 -13.57
N GLN B 285 11.62 -6.93 -12.87
CA GLN B 285 12.05 -5.55 -13.12
C GLN B 285 13.47 -5.49 -13.65
N TYR B 286 13.78 -4.35 -14.26
CA TYR B 286 15.12 -4.02 -14.73
C TYR B 286 15.58 -2.73 -14.08
N ASN B 287 15.07 -2.49 -12.88
CA ASN B 287 15.51 -1.40 -12.07
C ASN B 287 15.37 -1.84 -10.63
N PHE B 288 16.21 -1.26 -9.76
CA PHE B 288 16.27 -1.69 -8.37
C PHE B 288 15.06 -1.20 -7.57
N GLU B 289 14.51 -2.09 -6.74
CA GLU B 289 13.48 -1.71 -5.76
C GLU B 289 14.20 -1.45 -4.45
N ASP B 290 14.00 -0.25 -3.87
CA ASP B 290 14.75 0.13 -2.66
C ASP B 290 13.82 0.67 -1.60
N GLU B 291 12.51 0.31 -1.65
CA GLU B 291 11.60 0.77 -0.64
C GLU B 291 10.95 -0.35 0.14
N LEU B 292 11.53 -1.55 0.06
CA LEU B 292 11.13 -2.72 0.84
C LEU B 292 12.28 -3.02 1.81
N THR B 293 11.99 -3.06 3.08
CA THR B 293 13.11 -3.11 4.05
C THR B 293 13.50 -4.54 4.42
N PRO B 294 14.71 -4.72 4.95
CA PRO B 294 15.05 -6.07 5.39
C PRO B 294 14.12 -6.60 6.45
N GLU B 295 13.64 -5.74 7.37
CA GLU B 295 12.75 -6.22 8.41
C GLU B 295 11.42 -6.65 7.82
N SER B 296 10.92 -5.91 6.84
CA SER B 296 9.67 -6.31 6.20
C SER B 296 9.83 -7.62 5.44
N VAL B 297 10.94 -7.82 4.72
CA VAL B 297 11.16 -9.09 4.02
C VAL B 297 11.23 -10.24 5.02
N PHE B 298 11.97 -10.03 6.12
CA PHE B 298 12.04 -11.07 7.15
C PHE B 298 10.66 -11.44 7.68
N ASN B 299 9.85 -10.43 8.01
CA ASN B 299 8.55 -10.68 8.62
C ASN B 299 7.61 -11.43 7.70
N GLN B 300 7.90 -11.48 6.39
CA GLN B 300 7.07 -12.15 5.40
C GLN B 300 7.59 -13.55 5.06
N ILE B 301 8.54 -14.08 5.84
CA ILE B 301 9.00 -15.46 5.73
C ILE B 301 8.28 -16.32 6.77
N GLY B 302 7.74 -17.45 6.32
CA GLY B 302 7.02 -18.37 7.20
C GLY B 302 7.75 -19.67 7.47
C20 A1EPZ C . -1.94 -26.12 -1.64
C21 A1EPZ C . -2.06 -25.83 -3.13
O5 A1EPZ C . -1.98 -27.28 -1.28
F1 A1EPZ C . -2.62 -26.84 -3.79
F2 A1EPZ C . -0.92 -25.53 -3.67
F3 A1EPZ C . -2.76 -24.77 -3.45
N4 A1EPZ C . -1.76 -25.06 -0.86
C15 A1EPZ C . -1.73 -25.15 0.58
C16 A1EPZ C . -0.30 -24.89 1.15
C17 A1EPZ C . -0.41 -25.02 2.67
C18 A1EPZ C . 0.29 -23.51 0.81
C19 A1EPZ C . 0.66 -25.94 0.59
C14 A1EPZ C . -2.80 -24.25 1.18
O4 A1EPZ C . -2.87 -23.04 0.85
N3 A1EPZ C . -3.67 -24.81 2.02
C9 A1EPZ C . -4.67 -24.00 2.69
C8 A1EPZ C . -4.01 -23.10 3.73
O3 A1EPZ C . -3.16 -23.52 4.50
C10 A1EPZ C . -5.71 -24.96 3.27
C11 A1EPZ C . -6.56 -25.65 2.22
C13 A1EPZ C . -7.55 -24.63 1.59
C12 A1EPZ C . -7.30 -26.80 2.91
O1 A1EPZ C . -1.83 -18.18 1.92
C4 A1EPZ C . -1.28 -19.06 2.56
N1 A1EPZ C . 0.03 -19.17 2.78
C1 A1EPZ C . 0.40 -20.41 3.46
C2 A1EPZ C . -0.88 -20.74 4.21
C3 A1EPZ C . -1.98 -20.20 3.28
C5 A1EPZ C . -3.21 -19.68 4.01
C6 A1EPZ C . -3.90 -20.84 4.74
N2 A1EPZ C . -4.38 -21.80 3.74
C7 A1EPZ C . -5.05 -20.30 5.59
O2 A1EPZ C . -5.63 -21.29 6.44
C20 A1EPZ D . 6.69 24.87 -3.99
C21 A1EPZ D . 8.12 24.33 -4.02
O5 A1EPZ D . 6.53 26.07 -4.16
F1 A1EPZ D . 8.99 25.30 -3.79
F2 A1EPZ D . 8.35 23.75 -5.18
F3 A1EPZ D . 8.42 23.37 -3.14
N4 A1EPZ D . 5.73 23.96 -3.84
C15 A1EPZ D . 4.36 24.42 -3.66
C16 A1EPZ D . 3.44 24.06 -4.88
C17 A1EPZ D . 2.01 24.49 -4.55
C18 A1EPZ D . 3.44 22.56 -5.18
C19 A1EPZ D . 3.94 24.79 -6.12
C14 A1EPZ D . 3.85 23.85 -2.35
O4 A1EPZ D . 4.06 22.64 -2.06
N3 A1EPZ D . 3.28 24.74 -1.51
C9 A1EPZ D . 2.75 24.32 -0.21
C8 A1EPZ D . 1.43 23.57 -0.43
O3 A1EPZ D . 0.58 23.96 -1.27
C10 A1EPZ D . 2.58 25.53 0.70
C11 A1EPZ D . 3.86 26.15 1.23
C13 A1EPZ D . 4.50 25.34 2.36
C12 A1EPZ D . 3.54 27.57 1.73
O1 A1EPZ D . 1.87 18.03 -1.70
C4 A1EPZ D . 1.29 18.89 -2.36
N1 A1EPZ D . 0.85 18.77 -3.61
C1 A1EPZ D . 0.31 20.02 -4.17
C2 A1EPZ D . -0.02 20.83 -2.92
C3 A1EPZ D . 0.93 20.28 -1.85
C5 A1EPZ D . 0.29 20.20 -0.48
C6 A1EPZ D . 0.06 21.60 0.12
N2 A1EPZ D . 1.29 22.40 0.23
C7 A1EPZ D . -0.59 21.43 1.50
O2 A1EPZ D . -1.09 22.70 1.89
#